data_8SIO
#
_entry.id   8SIO
#
_cell.length_a   97.039
_cell.length_b   100.782
_cell.length_c   173.437
_cell.angle_alpha   90.00
_cell.angle_beta   90.00
_cell.angle_gamma   90.00
#
_symmetry.space_group_name_H-M   'C 2 2 21'
#
loop_
_entity.id
_entity.type
_entity.pdbx_description
1 polymer 'Protein arginine N-methyltransferase 3'
2 non-polymer "5'-S-{3-[N'-(4'-chloro[1,1'-biphenyl]-3-yl)carbamimidamido]propyl}-5'-thioadenosine"
3 water water
#
_entity_poly.entity_id   1
_entity_poly.type   'polypeptide(L)'
_entity_poly.pdbx_seq_one_letter_code
;MGSSHHHHHHSSGLVPRGSDLQEDEDGVYFSSYGHYGIHEEMLKDKIRTESYRDFIYQNPHIFKDKVVLDVGCGTGILSM
FAAKAGAKKVLGVDQSEILYQAMDIIRLNKLEDTITLIKGKIEEVHLPVEKVDVIISEWMGYFLLFESMLDSVLYAKNKY
LAKGGSVYPDICTISLVAVSDVNKHADRIAFWDDVYGFKMSCMKKAVIPEAVVEVLDPKTLISEPCGIKHIDCHTTSISD
LEFSSDFTLKITRTSMCTAIAGYFDIYFEKNCHNRVVFSTGPQSTKTHWKQTVFLLEKPFSVKAGEALKGKVTVHKNKKD
PRSLTVTLTLNNSTQTYGLQ
;
_entity_poly.pdbx_strand_id   A,B
#
# COMPACT_ATOMS: atom_id res chain seq x y z
N GLY A 34 8.33 -8.72 -24.45
CA GLY A 34 8.53 -8.62 -25.94
C GLY A 34 9.88 -9.14 -26.41
N HIS A 35 10.86 -9.25 -25.50
CA HIS A 35 12.30 -9.48 -25.79
C HIS A 35 12.66 -10.96 -25.55
N TYR A 36 13.42 -11.55 -26.48
CA TYR A 36 13.89 -12.97 -26.48
C TYR A 36 14.77 -13.24 -25.26
N GLY A 37 15.44 -12.22 -24.71
CA GLY A 37 16.43 -12.31 -23.60
C GLY A 37 15.83 -12.88 -22.31
N ILE A 38 14.64 -12.42 -21.95
CA ILE A 38 13.85 -12.93 -20.78
C ILE A 38 13.63 -14.44 -21.00
N HIS A 39 13.16 -14.84 -22.18
CA HIS A 39 12.82 -16.25 -22.50
C HIS A 39 14.07 -17.10 -22.55
N GLU A 40 15.18 -16.58 -23.07
CA GLU A 40 16.47 -17.31 -23.09
C GLU A 40 16.90 -17.67 -21.66
N GLU A 41 16.84 -16.71 -20.73
CA GLU A 41 17.37 -16.92 -19.35
C GLU A 41 16.44 -17.91 -18.62
N MET A 42 15.12 -17.82 -18.84
CA MET A 42 14.13 -18.74 -18.23
C MET A 42 14.34 -20.16 -18.78
N LEU A 43 14.52 -20.34 -20.11
CA LEU A 43 14.69 -21.67 -20.78
C LEU A 43 16.02 -22.30 -20.39
N LYS A 44 17.07 -21.49 -20.21
CA LYS A 44 18.42 -21.97 -19.79
C LYS A 44 18.49 -22.23 -18.29
N ASP A 45 17.48 -21.83 -17.50
CA ASP A 45 17.37 -22.25 -16.07
C ASP A 45 16.88 -23.72 -16.05
N LYS A 46 17.79 -24.68 -15.88
CA LYS A 46 17.44 -26.13 -15.91
C LYS A 46 16.61 -26.50 -14.67
N ILE A 47 16.89 -25.92 -13.51
CA ILE A 47 16.10 -26.25 -12.29
C ILE A 47 14.64 -25.91 -12.55
N ARG A 48 14.38 -24.74 -13.12
CA ARG A 48 13.03 -24.28 -13.46
C ARG A 48 12.42 -25.22 -14.51
N THR A 49 13.03 -25.26 -15.67
CA THR A 49 12.36 -25.80 -16.89
C THR A 49 12.24 -27.34 -16.78
N GLU A 50 13.28 -28.03 -16.28
CA GLU A 50 13.25 -29.50 -16.05
C GLU A 50 12.22 -29.83 -14.96
N SER A 51 12.00 -28.93 -14.01
CA SER A 51 10.96 -29.15 -12.96
C SER A 51 9.59 -29.20 -13.65
N TYR A 52 9.30 -28.22 -14.50
CA TYR A 52 8.00 -28.21 -15.24
C TYR A 52 7.95 -29.42 -16.19
N ARG A 53 9.03 -29.68 -16.90
CA ARG A 53 9.08 -30.83 -17.85
C ARG A 53 8.80 -32.13 -17.08
N ASP A 54 9.49 -32.36 -15.97
CA ASP A 54 9.40 -33.61 -15.18
C ASP A 54 7.99 -33.75 -14.60
N PHE A 55 7.43 -32.69 -13.99
CA PHE A 55 6.03 -32.68 -13.51
C PHE A 55 5.12 -33.18 -14.64
N ILE A 56 5.19 -32.56 -15.80
CA ILE A 56 4.22 -32.83 -16.88
C ILE A 56 4.44 -34.24 -17.46
N TYR A 57 5.69 -34.64 -17.75
CA TYR A 57 5.97 -35.91 -18.48
C TYR A 57 5.80 -37.09 -17.51
N GLN A 58 6.02 -36.89 -16.20
CA GLN A 58 5.97 -37.98 -15.20
C GLN A 58 4.57 -38.06 -14.59
N ASN A 59 3.65 -37.15 -14.92
CA ASN A 59 2.25 -37.18 -14.42
C ASN A 59 1.26 -36.96 -15.57
N PRO A 60 1.36 -37.75 -16.66
CA PRO A 60 0.55 -37.50 -17.83
C PRO A 60 -0.96 -37.72 -17.59
N HIS A 61 -1.33 -38.45 -16.55
CA HIS A 61 -2.76 -38.69 -16.19
C HIS A 61 -3.43 -37.35 -15.85
N ILE A 62 -2.67 -36.35 -15.40
CA ILE A 62 -3.21 -34.98 -15.11
C ILE A 62 -3.60 -34.27 -16.41
N PHE A 63 -2.96 -34.57 -17.56
CA PHE A 63 -3.13 -33.81 -18.84
C PHE A 63 -3.98 -34.58 -19.89
N LYS A 64 -3.98 -35.92 -19.85
CA LYS A 64 -4.65 -36.82 -20.81
C LYS A 64 -6.11 -36.39 -21.09
N ASP A 65 -6.44 -36.08 -22.34
CA ASP A 65 -7.80 -35.66 -22.77
C ASP A 65 -8.26 -34.43 -21.98
N LYS A 66 -7.34 -33.62 -21.44
CA LYS A 66 -7.77 -32.40 -20.70
C LYS A 66 -7.65 -31.18 -21.62
N VAL A 67 -8.46 -30.16 -21.33
CA VAL A 67 -8.32 -28.77 -21.84
C VAL A 67 -7.39 -28.00 -20.89
N VAL A 68 -6.29 -27.50 -21.42
CA VAL A 68 -5.18 -26.89 -20.63
C VAL A 68 -5.01 -25.45 -21.07
N LEU A 69 -4.90 -24.53 -20.08
CA LEU A 69 -4.61 -23.10 -20.28
C LEU A 69 -3.23 -22.77 -19.72
N ASP A 70 -2.31 -22.35 -20.59
CA ASP A 70 -0.95 -21.84 -20.27
C ASP A 70 -1.01 -20.31 -20.22
N VAL A 71 -1.02 -19.74 -19.02
CA VAL A 71 -1.16 -18.28 -18.81
C VAL A 71 0.21 -17.65 -18.95
N GLY A 72 0.39 -16.74 -19.89
CA GLY A 72 1.70 -16.15 -20.22
C GLY A 72 2.66 -17.19 -20.77
N CYS A 73 2.35 -17.70 -21.96
CA CYS A 73 2.93 -18.97 -22.51
C CYS A 73 4.34 -18.72 -23.06
N GLY A 74 4.70 -17.48 -23.38
CA GLY A 74 6.06 -17.16 -23.86
C GLY A 74 6.34 -17.81 -25.21
N THR A 75 7.44 -18.56 -25.31
CA THR A 75 7.85 -19.36 -26.49
C THR A 75 6.87 -20.52 -26.76
N GLY A 76 6.06 -20.90 -25.76
CA GLY A 76 5.07 -21.99 -25.89
C GLY A 76 5.58 -23.29 -25.30
N ILE A 77 6.75 -23.30 -24.65
CA ILE A 77 7.43 -24.56 -24.17
C ILE A 77 6.45 -25.36 -23.30
N LEU A 78 5.74 -24.74 -22.36
CA LEU A 78 4.86 -25.52 -21.42
C LEU A 78 3.62 -26.04 -22.17
N SER A 79 3.10 -25.30 -23.13
CA SER A 79 1.98 -25.73 -24.00
C SER A 79 2.38 -27.02 -24.72
N MET A 80 3.62 -27.07 -25.18
CA MET A 80 4.11 -28.20 -25.97
C MET A 80 4.32 -29.41 -25.06
N PHE A 81 4.93 -29.25 -23.88
CA PHE A 81 4.97 -30.33 -22.84
C PHE A 81 3.54 -30.86 -22.66
N ALA A 82 2.55 -29.98 -22.48
CA ALA A 82 1.18 -30.38 -22.10
C ALA A 82 0.54 -31.20 -23.25
N ALA A 83 0.88 -30.84 -24.47
CA ALA A 83 0.40 -31.48 -25.70
C ALA A 83 0.98 -32.89 -25.79
N LYS A 84 2.27 -33.05 -25.53
CA LYS A 84 2.95 -34.35 -25.64
C LYS A 84 2.47 -35.29 -24.54
N ALA A 85 1.97 -34.75 -23.42
CA ALA A 85 1.48 -35.57 -22.28
C ALA A 85 0.02 -36.01 -22.53
N GLY A 86 -0.61 -35.60 -23.64
CA GLY A 86 -1.91 -36.13 -24.12
C GLY A 86 -3.06 -35.11 -24.02
N ALA A 87 -2.78 -33.82 -23.84
CA ALA A 87 -3.83 -32.76 -23.80
C ALA A 87 -4.80 -32.88 -24.98
N LYS A 88 -6.11 -32.80 -24.73
CA LYS A 88 -7.13 -32.65 -25.80
C LYS A 88 -6.93 -31.31 -26.52
N LYS A 89 -6.91 -30.18 -25.80
CA LYS A 89 -6.66 -28.82 -26.37
C LYS A 89 -5.78 -28.00 -25.41
N VAL A 90 -4.75 -27.35 -25.92
CA VAL A 90 -3.94 -26.37 -25.13
C VAL A 90 -4.17 -24.96 -25.69
N LEU A 91 -4.56 -24.03 -24.81
CA LEU A 91 -4.69 -22.58 -25.10
C LEU A 91 -3.50 -21.83 -24.49
N GLY A 92 -2.50 -21.51 -25.28
CA GLY A 92 -1.40 -20.62 -24.87
C GLY A 92 -1.78 -19.16 -25.08
N VAL A 93 -1.79 -18.36 -24.01
CA VAL A 93 -2.08 -16.89 -24.08
C VAL A 93 -0.87 -16.08 -23.62
N ASP A 94 -0.49 -15.08 -24.41
CA ASP A 94 0.58 -14.11 -24.07
C ASP A 94 0.21 -12.74 -24.64
N GLN A 95 0.51 -11.68 -23.89
CA GLN A 95 0.16 -10.27 -24.23
C GLN A 95 1.21 -9.70 -25.19
N SER A 96 2.38 -10.34 -25.28
CA SER A 96 3.61 -9.78 -25.90
C SER A 96 3.82 -10.35 -27.32
N GLU A 97 4.80 -9.77 -28.06
CA GLU A 97 5.19 -10.12 -29.45
C GLU A 97 5.85 -11.51 -29.50
N ILE A 98 6.19 -12.08 -28.34
CA ILE A 98 6.85 -13.41 -28.28
C ILE A 98 5.85 -14.46 -28.80
N LEU A 99 4.56 -14.16 -28.73
CA LEU A 99 3.50 -15.08 -29.20
C LEU A 99 3.64 -15.38 -30.70
N TYR A 100 4.22 -14.46 -31.46
CA TYR A 100 4.36 -14.60 -32.93
C TYR A 100 5.48 -15.59 -33.19
N GLN A 101 6.48 -15.61 -32.30
CA GLN A 101 7.53 -16.66 -32.31
C GLN A 101 6.89 -18.00 -31.93
N ALA A 102 6.01 -18.02 -30.91
CA ALA A 102 5.33 -19.22 -30.42
C ALA A 102 4.47 -19.83 -31.56
N MET A 103 3.74 -19.01 -32.33
CA MET A 103 2.93 -19.46 -33.49
C MET A 103 3.81 -20.27 -34.45
N ASP A 104 4.99 -19.76 -34.78
CA ASP A 104 5.95 -20.43 -35.70
C ASP A 104 6.53 -21.69 -35.01
N ILE A 105 6.88 -21.61 -33.73
CA ILE A 105 7.53 -22.72 -32.99
C ILE A 105 6.57 -23.91 -32.93
N ILE A 106 5.30 -23.64 -32.60
CA ILE A 106 4.21 -24.67 -32.50
C ILE A 106 4.12 -25.40 -33.84
N ARG A 107 4.30 -24.66 -34.95
CA ARG A 107 4.16 -25.19 -36.34
C ARG A 107 5.39 -26.06 -36.68
N LEU A 108 6.59 -25.61 -36.31
CA LEU A 108 7.87 -26.38 -36.48
C LEU A 108 7.76 -27.75 -35.78
N ASN A 109 7.02 -27.85 -34.68
CA ASN A 109 6.89 -29.10 -33.87
C ASN A 109 5.56 -29.79 -34.17
N LYS A 110 4.80 -29.30 -35.15
CA LYS A 110 3.65 -30.02 -35.76
C LYS A 110 2.57 -30.25 -34.70
N LEU A 111 2.33 -29.25 -33.84
CA LEU A 111 1.36 -29.33 -32.71
C LEU A 111 0.21 -28.34 -32.88
N GLU A 112 0.10 -27.68 -34.03
CA GLU A 112 -0.96 -26.65 -34.27
C GLU A 112 -2.34 -27.32 -34.28
N ASP A 113 -2.39 -28.64 -34.52
CA ASP A 113 -3.59 -29.50 -34.37
C ASP A 113 -4.16 -29.36 -32.93
N THR A 114 -3.29 -29.23 -31.93
CA THR A 114 -3.60 -29.35 -30.48
C THR A 114 -3.51 -27.99 -29.75
N ILE A 115 -2.52 -27.16 -30.09
CA ILE A 115 -2.21 -25.90 -29.37
C ILE A 115 -2.78 -24.73 -30.17
N THR A 116 -3.72 -23.99 -29.61
CA THR A 116 -4.22 -22.71 -30.15
C THR A 116 -3.60 -21.54 -29.35
N LEU A 117 -2.98 -20.59 -30.05
CA LEU A 117 -2.31 -19.42 -29.44
C LEU A 117 -3.16 -18.16 -29.66
N ILE A 118 -3.36 -17.40 -28.58
CA ILE A 118 -4.23 -16.19 -28.49
C ILE A 118 -3.37 -15.05 -27.95
N LYS A 119 -3.31 -13.92 -28.67
CA LYS A 119 -2.50 -12.72 -28.32
C LYS A 119 -3.36 -11.74 -27.52
N GLY A 120 -2.88 -11.33 -26.35
CA GLY A 120 -3.52 -10.30 -25.50
C GLY A 120 -3.42 -10.64 -24.04
N LYS A 121 -3.93 -9.77 -23.17
CA LYS A 121 -3.95 -9.97 -21.72
C LYS A 121 -4.98 -11.07 -21.43
N ILE A 122 -4.63 -12.04 -20.58
CA ILE A 122 -5.55 -13.16 -20.21
C ILE A 122 -6.82 -12.57 -19.59
N GLU A 123 -6.74 -11.35 -19.06
CA GLU A 123 -7.86 -10.62 -18.43
C GLU A 123 -8.85 -10.14 -19.51
N GLU A 124 -8.36 -9.94 -20.75
CA GLU A 124 -9.06 -9.21 -21.84
C GLU A 124 -9.60 -10.18 -22.90
N VAL A 125 -8.77 -11.14 -23.35
CA VAL A 125 -8.99 -11.99 -24.57
C VAL A 125 -10.32 -12.75 -24.47
N HIS A 126 -10.87 -13.15 -25.63
CA HIS A 126 -11.97 -14.13 -25.76
C HIS A 126 -11.34 -15.51 -26.01
N LEU A 127 -11.64 -16.48 -25.15
CA LEU A 127 -11.19 -17.90 -25.30
C LEU A 127 -12.28 -18.65 -26.05
N PRO A 128 -11.88 -19.58 -26.93
CA PRO A 128 -12.85 -20.45 -27.62
C PRO A 128 -13.38 -21.64 -26.80
N VAL A 129 -13.27 -21.59 -25.46
CA VAL A 129 -13.89 -22.57 -24.52
C VAL A 129 -14.64 -21.78 -23.45
N GLU A 130 -15.57 -22.41 -22.74
CA GLU A 130 -16.25 -21.84 -21.54
C GLU A 130 -15.34 -22.00 -20.33
N LYS A 131 -14.64 -23.15 -20.27
CA LYS A 131 -13.98 -23.66 -19.04
C LYS A 131 -12.75 -24.49 -19.42
N VAL A 132 -11.79 -24.59 -18.50
CA VAL A 132 -10.53 -25.36 -18.68
C VAL A 132 -10.41 -26.26 -17.47
N ASP A 133 -9.82 -27.44 -17.68
CA ASP A 133 -9.57 -28.48 -16.65
C ASP A 133 -8.31 -28.16 -15.83
N VAL A 134 -7.28 -27.63 -16.48
CA VAL A 134 -5.91 -27.47 -15.90
C VAL A 134 -5.40 -26.09 -16.31
N ILE A 135 -4.87 -25.35 -15.34
CA ILE A 135 -4.08 -24.12 -15.61
C ILE A 135 -2.61 -24.36 -15.22
N ILE A 136 -1.72 -23.96 -16.13
CA ILE A 136 -0.26 -24.04 -15.92
C ILE A 136 0.31 -22.66 -16.23
N SER A 137 1.33 -22.28 -15.48
CA SER A 137 1.93 -20.93 -15.54
C SER A 137 3.26 -20.97 -14.80
N GLU A 138 4.20 -20.16 -15.25
CA GLU A 138 5.40 -19.79 -14.47
C GLU A 138 5.32 -18.30 -14.22
N TRP A 139 4.76 -17.94 -13.05
CA TRP A 139 4.27 -16.58 -12.72
C TRP A 139 5.20 -15.88 -11.73
N MET A 140 6.26 -16.56 -11.28
CA MET A 140 6.98 -16.26 -10.03
C MET A 140 8.02 -15.16 -10.27
N GLY A 141 8.04 -14.15 -9.39
CA GLY A 141 9.05 -13.06 -9.39
C GLY A 141 10.14 -13.28 -8.38
N TYR A 142 11.12 -12.39 -8.32
CA TYR A 142 12.11 -12.33 -7.21
C TYR A 142 11.33 -12.38 -5.88
N PHE A 143 11.80 -13.16 -4.92
CA PHE A 143 11.16 -13.27 -3.58
C PHE A 143 9.69 -13.66 -3.79
N LEU A 144 9.42 -14.42 -4.86
CA LEU A 144 8.11 -14.98 -5.28
C LEU A 144 7.18 -13.89 -5.81
N LEU A 145 7.05 -12.78 -5.10
CA LEU A 145 5.91 -11.86 -5.35
C LEU A 145 6.34 -10.57 -6.06
N PHE A 146 7.63 -10.23 -6.18
CA PHE A 146 8.05 -8.94 -6.81
C PHE A 146 7.87 -9.02 -8.32
N GLU A 147 6.97 -8.20 -8.86
CA GLU A 147 6.68 -8.17 -10.31
C GLU A 147 6.30 -9.58 -10.75
N SER A 148 5.44 -10.25 -9.96
CA SER A 148 4.89 -11.60 -10.27
C SER A 148 3.56 -11.44 -11.04
N MET A 149 3.16 -12.51 -11.72
CA MET A 149 1.93 -12.62 -12.54
C MET A 149 0.83 -13.30 -11.75
N LEU A 150 1.06 -13.56 -10.46
CA LEU A 150 0.10 -14.38 -9.70
C LEU A 150 -1.31 -13.80 -9.87
N ASP A 151 -1.41 -12.48 -9.90
CA ASP A 151 -2.68 -11.72 -10.06
C ASP A 151 -3.41 -12.26 -11.30
N SER A 152 -2.73 -12.35 -12.42
CA SER A 152 -3.30 -12.73 -13.74
C SER A 152 -3.72 -14.20 -13.74
N VAL A 153 -2.99 -15.07 -13.04
CA VAL A 153 -3.28 -16.52 -12.95
C VAL A 153 -4.54 -16.71 -12.10
N LEU A 154 -4.65 -15.98 -11.00
CA LEU A 154 -5.81 -16.08 -10.09
C LEU A 154 -7.06 -15.55 -10.81
N TYR A 155 -6.93 -14.50 -11.61
CA TYR A 155 -8.00 -14.03 -12.52
C TYR A 155 -8.41 -15.19 -13.45
N ALA A 156 -7.44 -15.84 -14.08
CA ALA A 156 -7.71 -16.93 -15.04
C ALA A 156 -8.41 -18.06 -14.29
N LYS A 157 -7.90 -18.44 -13.10
CA LYS A 157 -8.56 -19.48 -12.26
C LYS A 157 -10.04 -19.14 -12.07
N ASN A 158 -10.34 -17.95 -11.56
CA ASN A 158 -11.70 -17.53 -11.13
C ASN A 158 -12.65 -17.46 -12.34
N LYS A 159 -12.17 -16.92 -13.46
CA LYS A 159 -12.93 -16.80 -14.75
C LYS A 159 -13.18 -18.21 -15.33
N TYR A 160 -12.15 -19.05 -15.46
CA TYR A 160 -12.11 -20.16 -16.46
C TYR A 160 -11.91 -21.56 -15.84
N LEU A 161 -11.40 -21.70 -14.61
CA LEU A 161 -11.18 -23.05 -14.03
C LEU A 161 -12.54 -23.72 -13.77
N ALA A 162 -12.75 -24.90 -14.37
CA ALA A 162 -13.93 -25.77 -14.14
C ALA A 162 -14.01 -26.17 -12.67
N LYS A 163 -15.23 -26.36 -12.17
CA LYS A 163 -15.50 -27.09 -10.90
C LYS A 163 -14.58 -28.31 -10.87
N GLY A 164 -13.73 -28.41 -9.83
CA GLY A 164 -12.83 -29.55 -9.59
C GLY A 164 -11.62 -29.59 -10.54
N GLY A 165 -11.34 -28.48 -11.26
CA GLY A 165 -10.12 -28.30 -12.07
C GLY A 165 -8.86 -28.20 -11.20
N SER A 166 -7.68 -28.06 -11.82
CA SER A 166 -6.37 -28.00 -11.12
C SER A 166 -5.52 -26.85 -11.67
N VAL A 167 -4.73 -26.24 -10.78
CA VAL A 167 -3.74 -25.17 -11.09
C VAL A 167 -2.39 -25.65 -10.62
N TYR A 168 -1.35 -25.41 -11.44
CA TYR A 168 0.04 -25.88 -11.23
C TYR A 168 1.02 -24.78 -11.61
N PRO A 169 2.05 -24.49 -10.79
CA PRO A 169 2.29 -25.23 -9.55
C PRO A 169 1.24 -24.88 -8.49
N ASP A 170 0.93 -25.81 -7.59
CA ASP A 170 -0.27 -25.68 -6.71
C ASP A 170 0.13 -25.14 -5.34
N ILE A 171 1.39 -25.28 -4.92
CA ILE A 171 1.86 -24.89 -3.56
C ILE A 171 3.21 -24.15 -3.67
N CYS A 172 3.33 -23.03 -2.98
CA CYS A 172 4.53 -22.16 -2.91
C CYS A 172 4.77 -21.81 -1.44
N THR A 173 6.03 -21.67 -1.05
CA THR A 173 6.44 -21.11 0.27
C THR A 173 7.55 -20.05 0.09
N ILE A 174 7.61 -19.11 1.03
CA ILE A 174 8.68 -18.10 1.18
C ILE A 174 9.34 -18.35 2.52
N SER A 175 10.68 -18.35 2.55
CA SER A 175 11.50 -18.53 3.77
C SER A 175 12.47 -17.37 3.92
N LEU A 176 12.84 -17.05 5.15
CA LEU A 176 13.95 -16.16 5.50
C LEU A 176 15.06 -16.95 6.17
N VAL A 177 16.28 -16.45 6.08
CA VAL A 177 17.48 -17.06 6.71
C VAL A 177 18.46 -15.93 7.06
N ALA A 178 19.09 -15.99 8.25
CA ALA A 178 20.11 -15.03 8.70
C ALA A 178 21.43 -15.27 7.97
N VAL A 179 22.17 -14.17 7.73
CA VAL A 179 23.43 -14.12 6.94
C VAL A 179 24.48 -13.36 7.76
N SER A 180 25.72 -13.84 7.74
CA SER A 180 26.89 -13.11 8.27
C SER A 180 27.88 -12.92 7.14
N ASP A 181 28.07 -11.69 6.67
CA ASP A 181 29.01 -11.40 5.56
C ASP A 181 29.47 -9.95 5.66
N VAL A 182 30.35 -9.70 6.64
CA VAL A 182 30.88 -8.35 7.01
C VAL A 182 31.63 -7.78 5.80
N ASN A 183 32.25 -8.64 5.00
CA ASN A 183 33.02 -8.23 3.78
C ASN A 183 32.06 -7.69 2.71
N LYS A 184 30.96 -8.40 2.40
CA LYS A 184 29.98 -7.94 1.37
C LYS A 184 29.23 -6.70 1.88
N HIS A 185 28.96 -6.61 3.20
CA HIS A 185 28.32 -5.44 3.83
C HIS A 185 29.23 -4.20 3.71
N ALA A 186 30.51 -4.30 4.10
CA ALA A 186 31.54 -3.24 3.91
C ALA A 186 31.61 -2.82 2.42
N ASP A 187 31.60 -3.78 1.49
CA ASP A 187 31.71 -3.53 0.03
C ASP A 187 30.47 -2.74 -0.46
N ARG A 188 29.30 -2.87 0.16
CA ARG A 188 28.10 -2.14 -0.34
C ARG A 188 27.86 -0.86 0.48
N ILE A 189 28.29 -0.79 1.73
CA ILE A 189 27.82 0.28 2.67
C ILE A 189 29.00 1.16 3.09
N ALA A 190 29.94 0.62 3.86
CA ALA A 190 31.09 1.36 4.41
C ALA A 190 31.95 1.91 3.25
N PHE A 191 31.92 1.26 2.08
CA PHE A 191 32.53 1.73 0.81
C PHE A 191 32.36 3.25 0.66
N TRP A 192 31.14 3.75 0.85
CA TRP A 192 30.75 5.17 0.61
C TRP A 192 31.45 6.15 1.56
N ASP A 193 32.15 5.67 2.58
CA ASP A 193 32.78 6.56 3.60
C ASP A 193 34.10 7.11 3.05
N ASP A 194 34.80 6.34 2.19
CA ASP A 194 36.08 6.75 1.56
C ASP A 194 36.10 6.35 0.08
N VAL A 195 35.80 7.28 -0.82
CA VAL A 195 35.75 7.01 -2.28
C VAL A 195 36.89 7.82 -2.91
N TYR A 196 38.02 7.16 -3.18
CA TYR A 196 39.28 7.79 -3.68
C TYR A 196 39.63 9.03 -2.81
N GLY A 197 39.48 8.93 -1.49
CA GLY A 197 39.88 9.97 -0.50
C GLY A 197 38.73 10.91 -0.10
N PHE A 198 37.56 10.82 -0.75
CA PHE A 198 36.43 11.75 -0.47
C PHE A 198 35.35 11.03 0.33
N LYS A 199 34.75 11.75 1.28
CA LYS A 199 33.56 11.28 2.05
C LYS A 199 32.32 11.29 1.15
N MET A 200 31.62 10.17 1.05
CA MET A 200 30.31 10.06 0.37
C MET A 200 29.28 9.33 1.26
N SER A 201 29.45 9.43 2.58
CA SER A 201 28.65 8.78 3.68
C SER A 201 27.13 8.94 3.48
N CYS A 202 26.65 10.10 3.01
CA CYS A 202 25.23 10.43 2.83
C CYS A 202 24.57 9.50 1.81
N MET A 203 25.36 8.74 1.02
CA MET A 203 24.88 7.81 -0.03
C MET A 203 24.33 6.53 0.63
N LYS A 204 24.75 6.22 1.86
CA LYS A 204 24.35 4.96 2.53
C LYS A 204 22.82 4.89 2.74
N LYS A 205 22.17 6.03 2.98
CA LYS A 205 20.70 6.18 3.24
C LYS A 205 19.93 5.74 2.00
N ALA A 206 20.51 5.95 0.82
CA ALA A 206 19.90 5.59 -0.48
C ALA A 206 20.14 4.10 -0.84
N VAL A 207 21.17 3.45 -0.29
CA VAL A 207 21.56 2.04 -0.62
C VAL A 207 20.78 1.05 0.28
N ILE A 208 20.70 1.31 1.58
CA ILE A 208 20.16 0.36 2.58
C ILE A 208 18.76 -0.12 2.17
N PRO A 209 17.83 0.77 1.76
CA PRO A 209 16.45 0.39 1.45
C PRO A 209 16.23 -0.41 0.16
N GLU A 210 17.30 -0.73 -0.57
CA GLU A 210 17.23 -1.45 -1.86
C GLU A 210 17.58 -2.91 -1.61
N ALA A 211 16.61 -3.80 -1.70
CA ALA A 211 16.85 -5.26 -1.72
C ALA A 211 17.90 -5.55 -2.80
N VAL A 212 18.79 -6.48 -2.54
CA VAL A 212 19.78 -7.02 -3.54
C VAL A 212 19.33 -8.42 -3.97
N VAL A 213 19.36 -8.68 -5.27
CA VAL A 213 19.17 -10.03 -5.85
C VAL A 213 20.57 -10.58 -6.18
N GLU A 214 20.94 -11.71 -5.62
CA GLU A 214 22.27 -12.28 -5.89
C GLU A 214 22.38 -13.66 -5.24
N VAL A 215 23.32 -14.44 -5.72
CA VAL A 215 23.57 -15.82 -5.26
C VAL A 215 24.46 -15.72 -4.03
N LEU A 216 23.95 -16.17 -2.88
CA LEU A 216 24.72 -16.18 -1.61
C LEU A 216 25.61 -17.42 -1.53
N ASP A 217 26.80 -17.26 -0.97
CA ASP A 217 27.66 -18.37 -0.50
C ASP A 217 26.97 -19.07 0.69
N PRO A 218 26.64 -20.37 0.58
CA PRO A 218 25.99 -21.10 1.68
C PRO A 218 26.81 -21.07 2.98
N LYS A 219 28.13 -20.89 2.89
CA LYS A 219 29.04 -20.75 4.06
C LYS A 219 28.67 -19.50 4.89
N THR A 220 27.96 -18.51 4.33
CA THR A 220 27.63 -17.26 5.07
C THR A 220 26.26 -17.35 5.77
N LEU A 221 25.55 -18.49 5.71
CA LEU A 221 24.25 -18.69 6.43
C LEU A 221 24.50 -19.01 7.90
N ILE A 222 23.78 -18.37 8.80
CA ILE A 222 24.03 -18.47 10.28
C ILE A 222 22.73 -18.78 11.03
N SER A 223 21.72 -19.26 10.33
CA SER A 223 20.44 -19.71 10.93
C SER A 223 19.86 -20.82 10.07
N GLU A 224 19.04 -21.66 10.70
CA GLU A 224 17.99 -22.44 10.03
C GLU A 224 17.04 -21.45 9.36
N PRO A 225 16.46 -21.82 8.21
CA PRO A 225 15.46 -20.99 7.56
C PRO A 225 14.16 -20.96 8.37
N CYS A 226 13.33 -19.94 8.16
CA CYS A 226 11.97 -19.88 8.74
C CYS A 226 10.98 -19.63 7.62
N GLY A 227 9.97 -20.51 7.49
CA GLY A 227 8.79 -20.29 6.63
C GLY A 227 8.00 -19.08 7.11
N ILE A 228 7.71 -18.12 6.23
CA ILE A 228 6.94 -16.89 6.59
C ILE A 228 5.61 -16.86 5.81
N LYS A 229 5.45 -17.70 4.77
CA LYS A 229 4.26 -17.67 3.89
C LYS A 229 4.07 -19.04 3.21
N HIS A 230 2.82 -19.46 3.12
CA HIS A 230 2.38 -20.73 2.49
C HIS A 230 1.18 -20.41 1.61
N ILE A 231 1.33 -20.56 0.31
CA ILE A 231 0.26 -20.30 -0.69
C ILE A 231 -0.15 -21.64 -1.33
N ASP A 232 -1.44 -21.99 -1.25
CA ASP A 232 -2.11 -22.99 -2.13
C ASP A 232 -2.94 -22.24 -3.16
N CYS A 233 -2.55 -22.30 -4.43
CA CYS A 233 -3.13 -21.50 -5.53
C CYS A 233 -4.59 -21.91 -5.75
N HIS A 234 -5.05 -23.04 -5.18
CA HIS A 234 -6.47 -23.45 -5.23
C HIS A 234 -7.32 -22.61 -4.26
N THR A 235 -6.75 -22.12 -3.14
CA THR A 235 -7.51 -21.51 -2.02
C THR A 235 -7.07 -20.05 -1.73
N THR A 236 -6.16 -19.44 -2.50
CA THR A 236 -5.73 -18.04 -2.23
C THR A 236 -6.49 -17.05 -3.13
N SER A 237 -6.50 -15.79 -2.70
CA SER A 237 -7.09 -14.61 -3.39
C SER A 237 -6.01 -13.53 -3.43
N ILE A 238 -6.12 -12.52 -4.30
CA ILE A 238 -5.05 -11.49 -4.45
C ILE A 238 -4.81 -10.77 -3.11
N SER A 239 -5.81 -10.68 -2.23
CA SER A 239 -5.70 -10.03 -0.90
C SER A 239 -4.80 -10.85 0.07
N ASP A 240 -4.70 -12.18 -0.10
CA ASP A 240 -3.86 -13.06 0.78
C ASP A 240 -2.37 -12.81 0.53
N LEU A 241 -2.00 -12.15 -0.58
CA LEU A 241 -0.59 -11.98 -1.03
C LEU A 241 0.09 -10.81 -0.29
N GLU A 242 -0.70 -9.96 0.36
CA GLU A 242 -0.21 -9.00 1.36
C GLU A 242 -0.39 -9.68 2.71
N PHE A 243 0.71 -9.85 3.43
CA PHE A 243 0.73 -10.66 4.67
C PHE A 243 1.75 -10.08 5.63
N SER A 244 1.59 -10.44 6.91
CA SER A 244 2.51 -10.20 8.03
C SER A 244 2.80 -11.56 8.64
N SER A 245 4.02 -11.78 9.10
CA SER A 245 4.38 -13.00 9.83
C SER A 245 5.45 -12.67 10.86
N ASP A 246 5.20 -13.10 12.09
CA ASP A 246 6.26 -13.27 13.12
C ASP A 246 7.16 -14.37 12.59
N PHE A 247 8.46 -14.29 12.88
CA PHE A 247 9.38 -15.38 12.54
C PHE A 247 10.40 -15.53 13.64
N THR A 248 10.98 -16.71 13.69
CA THR A 248 12.05 -17.10 14.63
C THR A 248 13.15 -17.77 13.82
N LEU A 249 14.36 -17.22 13.87
CA LEU A 249 15.55 -17.77 13.17
C LEU A 249 16.44 -18.43 14.21
N LYS A 250 16.56 -19.77 14.14
CA LYS A 250 17.39 -20.57 15.07
C LYS A 250 18.84 -20.39 14.63
N ILE A 251 19.58 -19.56 15.35
CA ILE A 251 21.01 -19.20 15.06
C ILE A 251 21.87 -20.45 15.26
N THR A 252 22.73 -20.77 14.28
CA THR A 252 23.59 -21.99 14.25
C THR A 252 25.09 -21.62 14.37
N ARG A 253 25.42 -20.34 14.41
CA ARG A 253 26.83 -19.86 14.43
C ARG A 253 26.89 -18.49 15.08
N THR A 254 27.72 -18.38 16.13
CA THR A 254 28.02 -17.12 16.82
C THR A 254 28.80 -16.24 15.85
N SER A 255 28.30 -15.03 15.60
CA SER A 255 28.70 -14.19 14.46
C SER A 255 28.01 -12.82 14.54
N MET A 256 28.43 -11.91 13.64
N MET A 256 28.37 -11.94 13.60
CA MET A 256 27.71 -10.68 13.25
CA MET A 256 27.69 -10.66 13.32
C MET A 256 26.68 -11.04 12.18
C MET A 256 26.71 -10.88 12.15
N CYS A 257 25.42 -10.72 12.43
CA CYS A 257 24.33 -10.81 11.43
C CYS A 257 24.30 -9.51 10.66
N THR A 258 24.55 -9.54 9.35
CA THR A 258 24.67 -8.35 8.47
C THR A 258 23.46 -8.21 7.55
N ALA A 259 22.71 -9.30 7.32
CA ALA A 259 21.63 -9.35 6.31
C ALA A 259 20.62 -10.48 6.61
N ILE A 260 19.39 -10.31 6.14
CA ILE A 260 18.37 -11.40 6.07
C ILE A 260 18.16 -11.71 4.60
N ALA A 261 18.20 -12.98 4.23
CA ALA A 261 17.97 -13.43 2.84
C ALA A 261 16.60 -14.11 2.73
N GLY A 262 15.96 -13.90 1.60
CA GLY A 262 14.65 -14.47 1.29
C GLY A 262 14.73 -15.35 0.07
N TYR A 263 13.93 -16.39 0.06
CA TYR A 263 13.77 -17.30 -1.11
C TYR A 263 12.41 -17.98 -1.00
N PHE A 264 12.09 -18.79 -1.99
CA PHE A 264 10.78 -19.48 -2.13
C PHE A 264 11.00 -20.91 -2.65
N ASP A 265 10.09 -21.82 -2.28
CA ASP A 265 10.05 -23.21 -2.79
C ASP A 265 8.74 -23.39 -3.54
N ILE A 266 8.81 -24.08 -4.69
CA ILE A 266 7.69 -24.36 -5.62
C ILE A 266 7.44 -25.87 -5.63
N TYR A 267 6.20 -26.27 -5.41
CA TYR A 267 5.73 -27.66 -5.31
C TYR A 267 4.66 -27.91 -6.36
N PHE A 268 4.78 -29.06 -7.01
CA PHE A 268 3.71 -29.71 -7.80
C PHE A 268 3.23 -30.96 -7.04
N GLU A 269 2.00 -30.94 -6.53
CA GLU A 269 1.52 -31.96 -5.57
C GLU A 269 0.18 -32.56 -6.01
N LYS A 270 -0.85 -31.75 -6.25
CA LYS A 270 -2.24 -32.27 -6.41
C LYS A 270 -2.29 -33.39 -7.45
N ASN A 271 -2.70 -34.59 -7.04
CA ASN A 271 -3.01 -35.74 -7.94
C ASN A 271 -1.71 -36.29 -8.59
N CYS A 272 -0.53 -36.04 -8.01
CA CYS A 272 0.78 -36.44 -8.60
C CYS A 272 1.18 -37.81 -8.08
N HIS A 273 1.55 -38.74 -8.97
CA HIS A 273 2.22 -39.99 -8.57
C HIS A 273 3.71 -39.69 -8.40
N ASN A 274 4.19 -38.64 -9.09
CA ASN A 274 5.60 -38.17 -9.05
C ASN A 274 5.59 -36.69 -8.68
N ARG A 275 5.61 -36.41 -7.38
CA ARG A 275 5.65 -35.02 -6.89
C ARG A 275 6.95 -34.39 -7.33
N VAL A 276 6.89 -33.11 -7.65
CA VAL A 276 8.10 -32.31 -8.03
C VAL A 276 8.18 -31.12 -7.08
N VAL A 277 9.39 -30.81 -6.62
CA VAL A 277 9.69 -29.58 -5.88
C VAL A 277 11.03 -29.03 -6.36
N PHE A 278 11.18 -27.73 -6.35
CA PHE A 278 12.48 -27.01 -6.43
C PHE A 278 12.50 -25.85 -5.43
N SER A 279 13.70 -25.56 -4.92
CA SER A 279 14.04 -24.42 -4.04
C SER A 279 14.84 -23.40 -4.83
N THR A 280 14.73 -22.13 -4.46
CA THR A 280 15.60 -21.03 -4.92
C THR A 280 16.51 -20.59 -3.77
N GLY A 281 16.57 -21.42 -2.72
CA GLY A 281 17.37 -21.16 -1.52
C GLY A 281 18.88 -21.29 -1.80
N PRO A 282 19.71 -20.64 -0.98
CA PRO A 282 21.18 -20.70 -1.15
C PRO A 282 21.81 -22.09 -1.01
N GLN A 283 21.16 -23.03 -0.32
CA GLN A 283 21.74 -24.40 -0.14
C GLN A 283 21.39 -25.28 -1.34
N SER A 284 20.60 -24.77 -2.27
CA SER A 284 20.23 -25.50 -3.51
C SER A 284 20.95 -24.86 -4.70
N THR A 285 21.07 -25.62 -5.80
CA THR A 285 21.54 -25.16 -7.14
C THR A 285 20.93 -23.79 -7.48
N LYS A 286 21.77 -22.90 -8.01
CA LYS A 286 21.45 -21.52 -8.47
C LYS A 286 20.31 -21.58 -9.50
N THR A 287 19.35 -20.66 -9.40
CA THR A 287 18.30 -20.40 -10.41
C THR A 287 18.42 -18.95 -10.82
N HIS A 288 17.71 -18.56 -11.85
CA HIS A 288 17.73 -17.17 -12.37
C HIS A 288 17.05 -16.23 -11.35
N TRP A 289 16.32 -16.77 -10.37
CA TRP A 289 15.75 -16.01 -9.23
C TRP A 289 16.80 -15.66 -8.17
N LYS A 290 17.91 -16.38 -8.12
CA LYS A 290 18.96 -16.26 -7.09
C LYS A 290 18.30 -16.17 -5.70
N GLN A 291 18.80 -15.26 -4.84
CA GLN A 291 18.19 -14.93 -3.53
C GLN A 291 17.99 -13.41 -3.41
N THR A 292 17.02 -12.99 -2.63
CA THR A 292 16.77 -11.57 -2.35
C THR A 292 17.37 -11.25 -0.99
N VAL A 293 18.22 -10.22 -0.89
CA VAL A 293 19.00 -9.93 0.35
C VAL A 293 18.62 -8.53 0.86
N PHE A 294 18.25 -8.46 2.15
CA PHE A 294 17.92 -7.25 2.90
C PHE A 294 19.11 -6.93 3.83
N LEU A 295 19.90 -5.93 3.48
CA LEU A 295 21.10 -5.52 4.25
C LEU A 295 20.63 -4.83 5.52
N LEU A 296 21.18 -5.20 6.66
CA LEU A 296 20.91 -4.51 7.95
C LEU A 296 21.73 -3.23 8.04
N GLU A 297 21.10 -2.10 8.34
CA GLU A 297 21.84 -0.83 8.50
C GLU A 297 22.85 -0.98 9.63
N LYS A 298 22.47 -1.67 10.70
CA LYS A 298 23.31 -1.87 11.90
C LYS A 298 23.42 -3.37 12.14
N PRO A 299 24.48 -4.03 11.62
CA PRO A 299 24.76 -5.41 11.98
C PRO A 299 24.82 -5.56 13.51
N PHE A 300 24.45 -6.72 14.03
CA PHE A 300 24.42 -6.99 15.49
C PHE A 300 24.86 -8.43 15.70
N SER A 301 25.39 -8.71 16.87
CA SER A 301 25.99 -10.02 17.17
C SER A 301 24.88 -10.96 17.65
N VAL A 302 25.00 -12.24 17.29
CA VAL A 302 24.07 -13.32 17.67
C VAL A 302 24.93 -14.50 18.17
N LYS A 303 24.33 -15.38 18.96
CA LYS A 303 25.01 -16.51 19.64
C LYS A 303 24.36 -17.79 19.16
N ALA A 304 25.13 -18.77 18.71
CA ALA A 304 24.64 -20.14 18.40
C ALA A 304 23.64 -20.58 19.49
N GLY A 305 22.50 -21.15 19.07
CA GLY A 305 21.41 -21.58 19.97
C GLY A 305 20.40 -20.48 20.28
N GLU A 306 20.71 -19.21 19.98
CA GLU A 306 19.76 -18.05 20.11
C GLU A 306 18.57 -18.24 19.15
N ALA A 307 17.37 -17.91 19.62
CA ALA A 307 16.12 -17.83 18.80
C ALA A 307 15.87 -16.36 18.46
N LEU A 308 16.32 -15.93 17.29
CA LEU A 308 16.20 -14.53 16.81
C LEU A 308 14.76 -14.27 16.33
N LYS A 309 14.07 -13.36 16.97
CA LYS A 309 12.63 -13.10 16.74
C LYS A 309 12.48 -11.77 15.97
N GLY A 310 11.61 -11.76 14.97
CA GLY A 310 11.30 -10.53 14.23
C GLY A 310 9.96 -10.63 13.55
N LYS A 311 9.65 -9.64 12.75
CA LYS A 311 8.38 -9.54 12.05
C LYS A 311 8.66 -9.01 10.65
N VAL A 312 7.99 -9.60 9.65
CA VAL A 312 8.12 -9.21 8.23
C VAL A 312 6.72 -8.90 7.72
N THR A 313 6.57 -7.83 6.96
CA THR A 313 5.28 -7.53 6.29
C THR A 313 5.57 -7.21 4.83
N VAL A 314 4.77 -7.80 3.94
CA VAL A 314 4.82 -7.55 2.48
C VAL A 314 3.57 -6.76 2.08
N HIS A 315 3.77 -5.62 1.43
CA HIS A 315 2.70 -4.78 0.85
C HIS A 315 2.88 -4.72 -0.67
N LYS A 316 1.77 -4.63 -1.42
CA LYS A 316 1.73 -4.82 -2.90
C LYS A 316 1.74 -3.45 -3.61
N ASN A 317 1.07 -2.43 -3.04
CA ASN A 317 1.19 -0.98 -3.43
C ASN A 317 0.76 -0.75 -4.90
N SER A 323 5.08 -0.61 -6.45
CA SER A 323 5.68 -1.98 -6.51
C SER A 323 5.82 -2.53 -5.08
N LEU A 324 6.29 -3.77 -4.96
CA LEU A 324 6.35 -4.57 -3.70
C LEU A 324 7.22 -3.86 -2.65
N THR A 325 6.79 -3.84 -1.38
CA THR A 325 7.68 -3.42 -0.27
C THR A 325 7.67 -4.47 0.82
N VAL A 326 8.80 -4.57 1.52
CA VAL A 326 9.03 -5.54 2.61
C VAL A 326 9.45 -4.76 3.85
N THR A 327 8.64 -4.79 4.88
CA THR A 327 8.96 -4.12 6.16
C THR A 327 9.48 -5.18 7.12
N LEU A 328 10.65 -4.95 7.68
CA LEU A 328 11.41 -5.92 8.50
C LEU A 328 11.70 -5.29 9.86
N THR A 329 11.31 -5.97 10.93
CA THR A 329 11.57 -5.55 12.31
C THR A 329 12.41 -6.64 12.95
N LEU A 330 13.55 -6.25 13.48
CA LEU A 330 14.61 -7.16 13.95
C LEU A 330 15.55 -6.38 14.87
N ASN A 331 15.92 -6.95 16.02
CA ASN A 331 16.82 -6.30 17.01
C ASN A 331 16.35 -4.86 17.30
N ASN A 332 15.04 -4.66 17.47
CA ASN A 332 14.44 -3.39 17.96
C ASN A 332 14.70 -2.24 16.97
N SER A 333 14.77 -2.54 15.68
CA SER A 333 14.71 -1.50 14.62
C SER A 333 13.93 -2.04 13.42
N THR A 334 13.31 -1.14 12.68
CA THR A 334 12.43 -1.46 11.56
C THR A 334 12.99 -0.80 10.31
N GLN A 335 13.02 -1.51 9.19
CA GLN A 335 13.34 -0.91 7.88
C GLN A 335 12.38 -1.45 6.81
N THR A 336 11.98 -0.60 5.86
CA THR A 336 11.17 -0.93 4.67
C THR A 336 12.11 -1.01 3.46
N TYR A 337 12.03 -2.11 2.72
CA TYR A 337 12.87 -2.37 1.53
C TYR A 337 11.97 -2.44 0.29
N GLY A 338 12.50 -2.05 -0.88
CA GLY A 338 11.89 -2.33 -2.20
C GLY A 338 12.91 -2.94 -3.14
N LEU A 339 12.46 -3.57 -4.23
CA LEU A 339 13.33 -4.35 -5.17
C LEU A 339 13.14 -3.82 -6.60
N GLY B 34 -11.88 25.77 26.50
CA GLY B 34 -12.42 24.50 27.06
C GLY B 34 -13.07 23.65 25.98
N HIS B 35 -14.17 24.11 25.39
CA HIS B 35 -14.86 23.48 24.23
C HIS B 35 -15.14 22.00 24.55
N TYR B 36 -15.52 21.67 25.79
CA TYR B 36 -15.58 20.29 26.33
C TYR B 36 -16.54 19.44 25.47
N GLY B 37 -17.67 20.04 25.06
CA GLY B 37 -18.63 19.46 24.11
C GLY B 37 -17.95 19.04 22.81
N ILE B 38 -16.96 19.81 22.35
CA ILE B 38 -16.24 19.60 21.07
C ILE B 38 -15.33 18.35 21.19
N HIS B 39 -14.40 18.39 22.15
CA HIS B 39 -13.50 17.24 22.45
C HIS B 39 -14.35 15.99 22.56
N GLU B 40 -15.54 16.11 23.14
CA GLU B 40 -16.51 15.00 23.30
C GLU B 40 -16.88 14.43 21.93
N GLU B 41 -17.31 15.28 20.99
CA GLU B 41 -17.80 14.86 19.66
C GLU B 41 -16.65 14.16 18.93
N MET B 42 -15.43 14.71 19.01
CA MET B 42 -14.22 14.12 18.38
C MET B 42 -13.93 12.73 18.99
N LEU B 43 -13.99 12.59 20.33
CA LEU B 43 -13.74 11.29 21.00
C LEU B 43 -14.78 10.28 20.53
N LYS B 44 -16.04 10.69 20.34
CA LYS B 44 -17.17 9.77 19.98
C LYS B 44 -17.17 9.48 18.47
N ASP B 45 -16.30 10.15 17.70
CA ASP B 45 -16.04 9.76 16.29
C ASP B 45 -15.19 8.47 16.31
N LYS B 46 -15.86 7.34 16.22
CA LYS B 46 -15.21 5.99 16.32
C LYS B 46 -14.26 5.80 15.13
N ILE B 47 -14.65 6.22 13.95
CA ILE B 47 -13.79 6.06 12.74
C ILE B 47 -12.48 6.79 13.01
N ARG B 48 -12.55 8.05 13.48
CA ARG B 48 -11.35 8.85 13.86
C ARG B 48 -10.57 8.12 14.94
N THR B 49 -11.20 7.85 16.09
CA THR B 49 -10.47 7.58 17.35
C THR B 49 -9.97 6.13 17.33
N GLU B 50 -10.77 5.19 16.83
CA GLU B 50 -10.35 3.77 16.66
C GLU B 50 -9.21 3.67 15.64
N SER B 51 -9.17 4.51 14.60
CA SER B 51 -8.06 4.48 13.60
C SER B 51 -6.75 4.83 14.31
N TYR B 52 -6.76 5.91 15.07
CA TYR B 52 -5.56 6.27 15.87
C TYR B 52 -5.23 5.13 16.83
N ARG B 53 -6.22 4.62 17.56
CA ARG B 53 -5.99 3.54 18.55
C ARG B 53 -5.42 2.29 17.83
N ASP B 54 -6.04 1.82 16.75
CA ASP B 54 -5.57 0.63 16.01
C ASP B 54 -4.12 0.87 15.56
N PHE B 55 -3.82 2.04 15.01
CA PHE B 55 -2.49 2.39 14.47
C PHE B 55 -1.46 2.19 15.57
N ILE B 56 -1.68 2.82 16.73
CA ILE B 56 -0.70 2.82 17.84
C ILE B 56 -0.57 1.39 18.42
N TYR B 57 -1.69 0.75 18.81
CA TYR B 57 -1.71 -0.55 19.54
C TYR B 57 -1.26 -1.71 18.62
N GLN B 58 -1.48 -1.61 17.31
CA GLN B 58 -1.12 -2.68 16.36
C GLN B 58 0.28 -2.44 15.79
N ASN B 59 0.90 -1.28 16.05
CA ASN B 59 2.27 -0.96 15.58
C ASN B 59 3.12 -0.49 16.76
N PRO B 60 3.18 -1.24 17.88
CA PRO B 60 3.89 -0.76 19.07
C PRO B 60 5.40 -0.61 18.86
N HIS B 61 5.97 -1.30 17.87
CA HIS B 61 7.40 -1.15 17.51
C HIS B 61 7.70 0.30 17.13
N ILE B 62 6.71 1.07 16.67
CA ILE B 62 6.95 2.49 16.28
C ILE B 62 7.12 3.36 17.55
N PHE B 63 6.67 2.86 18.71
CA PHE B 63 6.51 3.62 19.97
C PHE B 63 7.47 3.13 21.07
N LYS B 64 7.78 1.81 21.14
CA LYS B 64 8.54 1.18 22.26
C LYS B 64 9.83 1.96 22.51
N ASP B 65 9.96 2.56 23.70
CA ASP B 65 11.17 3.27 24.16
C ASP B 65 11.49 4.46 23.24
N LYS B 66 10.45 5.13 22.73
CA LYS B 66 10.62 6.33 21.88
C LYS B 66 10.18 7.59 22.64
N VAL B 67 10.64 8.73 22.18
CA VAL B 67 10.18 10.06 22.65
C VAL B 67 9.10 10.54 21.69
N VAL B 68 7.87 10.71 22.19
CA VAL B 68 6.68 11.09 21.37
C VAL B 68 6.19 12.49 21.73
N LEU B 69 5.91 13.30 20.70
CA LEU B 69 5.24 14.63 20.78
C LEU B 69 3.80 14.53 20.27
N ASP B 70 2.83 14.91 21.09
CA ASP B 70 1.37 15.00 20.78
C ASP B 70 0.98 16.49 20.63
N VAL B 71 0.81 16.96 19.39
CA VAL B 71 0.57 18.38 19.06
C VAL B 71 -0.95 18.61 19.07
N GLY B 72 -1.43 19.34 20.07
CA GLY B 72 -2.85 19.62 20.29
C GLY B 72 -3.53 18.44 20.94
N CYS B 73 -3.04 18.04 22.12
CA CYS B 73 -3.33 16.73 22.77
C CYS B 73 -4.78 16.69 23.27
N GLY B 74 -5.45 17.84 23.45
CA GLY B 74 -6.84 17.89 23.96
C GLY B 74 -6.94 17.17 25.29
N THR B 75 -7.89 16.24 25.42
CA THR B 75 -8.08 15.35 26.59
C THR B 75 -6.83 14.49 26.85
N GLY B 76 -5.89 14.42 25.90
CA GLY B 76 -4.63 13.65 26.03
C GLY B 76 -4.77 12.18 25.63
N ILE B 77 -5.89 11.78 24.99
CA ILE B 77 -6.19 10.37 24.56
C ILE B 77 -5.01 9.75 23.81
N LEU B 78 -4.43 10.46 22.85
CA LEU B 78 -3.38 9.95 21.96
C LEU B 78 -2.12 9.71 22.79
N SER B 79 -1.80 10.68 23.62
CA SER B 79 -0.66 10.59 24.56
C SER B 79 -0.77 9.30 25.38
N MET B 80 -1.95 9.00 25.91
CA MET B 80 -2.16 7.77 26.68
C MET B 80 -2.01 6.53 25.76
N PHE B 81 -2.60 6.53 24.56
CA PHE B 81 -2.41 5.41 23.60
C PHE B 81 -0.90 5.14 23.49
N ALA B 82 -0.07 6.17 23.27
CA ALA B 82 1.38 6.05 22.99
C ALA B 82 2.14 5.53 24.22
N ALA B 83 1.69 5.88 25.43
CA ALA B 83 2.29 5.38 26.69
C ALA B 83 1.91 3.90 26.88
N LYS B 84 0.66 3.51 26.62
CA LYS B 84 0.21 2.09 26.74
C LYS B 84 1.01 1.25 25.73
N ALA B 85 1.37 1.81 24.58
CA ALA B 85 2.08 1.06 23.52
C ALA B 85 3.59 1.00 23.83
N GLY B 86 4.10 1.76 24.80
CA GLY B 86 5.44 1.52 25.40
C GLY B 86 6.41 2.69 25.29
N ALA B 87 5.93 3.90 25.00
CA ALA B 87 6.79 5.09 24.81
C ALA B 87 7.64 5.35 26.05
N LYS B 88 8.92 5.71 25.88
CA LYS B 88 9.82 6.15 26.99
C LYS B 88 9.22 7.43 27.61
N LYS B 89 9.08 8.50 26.82
CA LYS B 89 8.48 9.80 27.24
C LYS B 89 7.46 10.26 26.20
N VAL B 90 6.31 10.76 26.64
CA VAL B 90 5.31 11.43 25.76
C VAL B 90 5.13 12.88 26.22
N LEU B 91 5.33 13.83 25.32
CA LEU B 91 5.05 15.27 25.53
C LEU B 91 3.74 15.65 24.82
N GLY B 92 2.73 16.04 25.61
CA GLY B 92 1.42 16.54 25.13
C GLY B 92 1.30 18.05 25.31
N VAL B 93 1.06 18.78 24.22
CA VAL B 93 1.03 20.28 24.15
C VAL B 93 -0.34 20.72 23.64
N ASP B 94 -1.00 21.61 24.38
CA ASP B 94 -2.29 22.26 24.00
C ASP B 94 -2.34 23.68 24.58
N GLN B 95 -2.74 24.66 23.78
CA GLN B 95 -2.81 26.11 24.12
C GLN B 95 -4.01 26.42 25.01
N SER B 96 -4.94 25.49 25.18
CA SER B 96 -6.27 25.73 25.78
C SER B 96 -6.37 25.13 27.19
N GLU B 97 -7.38 25.58 27.95
CA GLU B 97 -7.74 25.12 29.31
C GLU B 97 -8.05 23.61 29.31
N ILE B 98 -8.29 22.97 28.15
CA ILE B 98 -8.51 21.49 28.09
C ILE B 98 -7.25 20.81 28.67
N LEU B 99 -6.07 21.40 28.54
CA LEU B 99 -4.83 20.82 29.10
C LEU B 99 -5.01 20.51 30.59
N TYR B 100 -5.72 21.35 31.35
CA TYR B 100 -5.94 21.14 32.80
C TYR B 100 -6.78 19.88 33.03
N GLN B 101 -7.74 19.59 32.15
CA GLN B 101 -8.50 18.32 32.24
C GLN B 101 -7.56 17.14 31.90
N ALA B 102 -6.62 17.30 30.96
CA ALA B 102 -5.66 16.24 30.56
C ALA B 102 -4.69 15.98 31.72
N MET B 103 -4.25 17.02 32.43
CA MET B 103 -3.40 16.86 33.65
C MET B 103 -4.13 15.93 34.62
N ASP B 104 -5.41 16.19 34.89
CA ASP B 104 -6.23 15.35 35.79
C ASP B 104 -6.45 13.97 35.17
N ILE B 105 -6.65 13.90 33.84
CA ILE B 105 -6.94 12.60 33.19
C ILE B 105 -5.69 11.74 33.25
N ILE B 106 -4.52 12.32 32.97
CA ILE B 106 -3.23 11.59 32.97
C ILE B 106 -2.96 11.01 34.38
N ARG B 107 -3.42 11.69 35.45
CA ARG B 107 -3.13 11.29 36.87
C ARG B 107 -4.14 10.24 37.33
N LEU B 108 -5.39 10.33 36.86
CA LEU B 108 -6.45 9.30 37.07
C LEU B 108 -5.96 7.93 36.54
N ASN B 109 -5.19 7.92 35.45
CA ASN B 109 -4.77 6.67 34.75
C ASN B 109 -3.31 6.33 35.14
N LYS B 110 -2.64 7.25 35.84
CA LYS B 110 -1.37 7.03 36.59
C LYS B 110 -0.20 7.00 35.61
N LEU B 111 -0.20 7.91 34.63
CA LEU B 111 0.79 7.92 33.52
C LEU B 111 1.65 9.16 33.62
N GLU B 112 1.70 9.80 34.80
CA GLU B 112 2.36 11.13 35.01
C GLU B 112 3.88 10.96 34.93
N ASP B 113 4.42 9.78 35.24
CA ASP B 113 5.87 9.49 35.11
C ASP B 113 6.28 9.29 33.64
N THR B 114 5.34 9.06 32.72
CA THR B 114 5.62 8.86 31.27
C THR B 114 5.21 10.12 30.49
N ILE B 115 4.00 10.64 30.72
CA ILE B 115 3.44 11.79 29.95
C ILE B 115 3.63 13.06 30.77
N THR B 116 4.35 14.05 30.21
CA THR B 116 4.43 15.43 30.75
C THR B 116 3.62 16.35 29.83
N LEU B 117 2.74 17.17 30.42
CA LEU B 117 1.77 18.06 29.72
C LEU B 117 2.18 19.52 29.88
N ILE B 118 2.21 20.27 28.78
CA ILE B 118 2.63 21.71 28.71
C ILE B 118 1.47 22.53 28.11
N LYS B 119 1.01 23.57 28.83
CA LYS B 119 0.03 24.58 28.32
C LYS B 119 0.79 25.64 27.51
N GLY B 120 0.33 25.90 26.30
CA GLY B 120 0.95 26.88 25.38
C GLY B 120 0.84 26.43 23.94
N LYS B 121 1.02 27.36 23.01
CA LYS B 121 1.18 27.09 21.56
C LYS B 121 2.47 26.28 21.38
N ILE B 122 2.46 25.30 20.49
CA ILE B 122 3.68 24.47 20.20
C ILE B 122 4.75 25.43 19.66
N GLU B 123 4.32 26.53 19.05
CA GLU B 123 5.21 27.53 18.40
C GLU B 123 6.00 28.32 19.45
N GLU B 124 5.58 28.32 20.72
CA GLU B 124 6.09 29.28 21.73
C GLU B 124 6.50 28.60 23.05
N VAL B 125 6.35 27.26 23.19
CA VAL B 125 6.67 26.54 24.47
C VAL B 125 8.16 26.15 24.47
N HIS B 126 8.72 25.96 25.68
CA HIS B 126 10.05 25.33 25.91
C HIS B 126 9.81 23.88 26.34
N LEU B 127 10.28 22.93 25.53
CA LEU B 127 10.11 21.47 25.78
C LEU B 127 11.33 20.93 26.53
N PRO B 128 11.16 19.96 27.46
CA PRO B 128 12.28 19.44 28.25
C PRO B 128 13.27 18.54 27.51
N VAL B 129 13.26 18.55 26.16
CA VAL B 129 14.12 17.69 25.30
C VAL B 129 14.48 18.50 24.05
N GLU B 130 15.61 18.19 23.41
CA GLU B 130 16.04 18.86 22.14
C GLU B 130 15.21 18.29 20.99
N LYS B 131 14.97 16.97 20.98
CA LYS B 131 14.44 16.23 19.79
C LYS B 131 13.43 15.16 20.21
N VAL B 132 12.55 14.77 19.28
CA VAL B 132 11.53 13.69 19.47
C VAL B 132 11.70 12.67 18.35
N ASP B 133 11.31 11.43 18.58
CA ASP B 133 11.42 10.32 17.58
C ASP B 133 10.16 10.29 16.73
N VAL B 134 9.02 10.62 17.32
CA VAL B 134 7.68 10.50 16.69
C VAL B 134 6.83 11.71 17.05
N ILE B 135 6.22 12.35 16.04
CA ILE B 135 5.12 13.32 16.24
C ILE B 135 3.81 12.66 15.81
N ILE B 136 2.80 12.70 16.70
CA ILE B 136 1.38 12.34 16.41
C ILE B 136 0.51 13.59 16.58
N SER B 137 -0.52 13.70 15.76
CA SER B 137 -1.48 14.82 15.80
C SER B 137 -2.75 14.41 15.08
N GLU B 138 -3.87 14.95 15.52
CA GLU B 138 -5.13 15.00 14.76
C GLU B 138 -5.35 16.48 14.39
N TRP B 139 -4.88 16.87 13.21
CA TRP B 139 -4.78 18.29 12.76
C TRP B 139 -5.81 18.65 11.67
N MET B 140 -6.67 17.73 11.27
CA MET B 140 -7.41 17.82 9.99
C MET B 140 -8.66 18.69 10.17
N GLY B 141 -8.85 19.65 9.26
CA GLY B 141 -10.08 20.44 9.14
C GLY B 141 -11.03 19.81 8.14
N TYR B 142 -12.20 20.43 8.00
CA TYR B 142 -13.14 20.25 6.87
C TYR B 142 -12.34 20.33 5.59
N PHE B 143 -12.57 19.39 4.67
CA PHE B 143 -11.89 19.38 3.36
C PHE B 143 -10.38 19.45 3.62
N LEU B 144 -9.97 18.87 4.75
CA LEU B 144 -8.58 18.65 5.21
C LEU B 144 -7.92 19.95 5.65
N LEU B 145 -8.09 21.03 4.91
CA LEU B 145 -7.30 22.28 5.08
C LEU B 145 -8.09 23.46 5.67
N PHE B 146 -9.44 23.47 5.68
CA PHE B 146 -10.23 24.59 6.28
C PHE B 146 -10.06 24.55 7.80
N GLU B 147 -9.43 25.54 8.39
CA GLU B 147 -9.27 25.67 9.86
C GLU B 147 -8.45 24.47 10.38
N SER B 148 -7.35 24.10 9.72
CA SER B 148 -6.49 22.95 10.09
C SER B 148 -5.31 23.44 10.92
N MET B 149 -4.71 22.53 11.70
CA MET B 149 -3.51 22.70 12.54
C MET B 149 -2.23 22.28 11.78
N LEU B 150 -2.32 21.96 10.50
CA LEU B 150 -1.16 21.36 9.79
C LEU B 150 0.07 22.31 9.83
N ASP B 151 -0.16 23.62 9.84
CA ASP B 151 0.94 24.63 9.97
C ASP B 151 1.72 24.36 11.26
N SER B 152 1.04 24.18 12.37
CA SER B 152 1.66 23.93 13.69
C SER B 152 2.39 22.58 13.71
N VAL B 153 1.85 21.57 13.03
CA VAL B 153 2.45 20.21 13.05
C VAL B 153 3.77 20.30 12.30
N LEU B 154 3.79 21.02 11.19
CA LEU B 154 5.01 21.17 10.33
C LEU B 154 6.07 22.00 11.05
N TYR B 155 5.66 22.99 11.85
CA TYR B 155 6.58 23.77 12.71
C TYR B 155 7.24 22.82 13.71
N ALA B 156 6.44 21.98 14.38
CA ALA B 156 6.94 20.97 15.33
C ALA B 156 7.89 20.00 14.61
N LYS B 157 7.55 19.53 13.41
CA LYS B 157 8.43 18.63 12.61
C LYS B 157 9.77 19.34 12.39
N ASN B 158 9.73 20.55 11.83
CA ASN B 158 10.95 21.28 11.40
C ASN B 158 11.83 21.58 12.62
N LYS B 159 11.25 21.91 13.78
CA LYS B 159 12.04 22.33 14.96
C LYS B 159 12.47 21.12 15.82
N TYR B 160 11.66 20.06 15.95
CA TYR B 160 11.82 19.07 17.04
C TYR B 160 12.04 17.62 16.56
N LEU B 161 11.78 17.29 15.30
CA LEU B 161 11.91 15.87 14.83
C LEU B 161 13.39 15.54 14.58
N ALA B 162 13.91 14.51 15.27
CA ALA B 162 15.24 13.90 15.05
C ALA B 162 15.33 13.46 13.58
N LYS B 163 16.55 13.38 13.03
CA LYS B 163 16.78 12.77 11.70
C LYS B 163 16.32 11.31 11.80
N GLY B 164 15.70 10.78 10.75
CA GLY B 164 15.10 9.41 10.76
C GLY B 164 13.86 9.30 11.66
N GLY B 165 13.32 10.41 12.16
CA GLY B 165 12.06 10.43 12.92
C GLY B 165 10.84 10.28 12.02
N SER B 166 9.65 10.15 12.62
CA SER B 166 8.39 9.81 11.92
C SER B 166 7.23 10.72 12.38
N VAL B 167 6.35 11.09 11.45
CA VAL B 167 5.12 11.90 11.70
C VAL B 167 3.90 11.08 11.27
N TYR B 168 2.83 11.11 12.08
CA TYR B 168 1.61 10.29 11.86
C TYR B 168 0.40 11.14 12.18
N PRO B 169 -0.66 11.10 11.35
CA PRO B 169 -0.68 10.25 10.14
C PRO B 169 0.27 10.79 9.07
N ASP B 170 0.87 9.92 8.24
CA ASP B 170 2.00 10.32 7.34
C ASP B 170 1.48 10.69 5.95
N ILE B 171 0.36 10.12 5.51
CA ILE B 171 -0.16 10.39 4.14
C ILE B 171 -1.64 10.80 4.19
N CYS B 172 -1.96 11.82 3.40
CA CYS B 172 -3.31 12.41 3.25
C CYS B 172 -3.59 12.58 1.78
N THR B 173 -4.81 12.29 1.35
CA THR B 173 -5.30 12.71 0.01
C THR B 173 -6.56 13.56 0.12
N ILE B 174 -6.81 14.37 -0.89
CA ILE B 174 -8.10 15.06 -1.12
C ILE B 174 -8.67 14.57 -2.45
N SER B 175 -9.97 14.31 -2.47
CA SER B 175 -10.71 13.81 -3.66
C SER B 175 -11.96 14.67 -3.88
N LEU B 176 -12.42 14.74 -5.12
CA LEU B 176 -13.71 15.35 -5.49
C LEU B 176 -14.62 14.28 -6.11
N VAL B 177 -15.93 14.50 -6.05
CA VAL B 177 -16.95 13.58 -6.61
C VAL B 177 -18.16 14.44 -7.01
N ALA B 178 -18.74 14.15 -8.16
CA ALA B 178 -19.88 14.91 -8.71
C ALA B 178 -21.14 14.46 -7.98
N VAL B 179 -22.06 15.41 -7.76
CA VAL B 179 -23.36 15.17 -7.09
C VAL B 179 -24.50 15.60 -8.01
N SER B 180 -25.60 14.83 -8.00
CA SER B 180 -26.92 15.22 -8.58
C SER B 180 -27.97 15.27 -7.47
N ASP B 181 -28.48 16.45 -7.15
CA ASP B 181 -29.62 16.60 -6.21
C ASP B 181 -30.39 17.89 -6.55
N VAL B 182 -31.28 17.84 -7.54
CA VAL B 182 -32.04 19.05 -8.00
C VAL B 182 -32.91 19.54 -6.83
N ASN B 183 -33.46 18.64 -6.01
CA ASN B 183 -34.34 19.00 -4.85
C ASN B 183 -33.54 19.85 -3.84
N LYS B 184 -32.35 19.40 -3.43
CA LYS B 184 -31.47 20.18 -2.54
C LYS B 184 -31.07 21.49 -3.23
N HIS B 185 -30.81 21.49 -4.53
CA HIS B 185 -30.38 22.71 -5.26
C HIS B 185 -31.53 23.76 -5.25
N ALA B 186 -32.76 23.35 -5.59
CA ALA B 186 -33.98 24.21 -5.53
C ALA B 186 -34.19 24.73 -4.09
N ASP B 187 -34.02 23.88 -3.08
CA ASP B 187 -34.16 24.29 -1.65
C ASP B 187 -33.14 25.39 -1.31
N ARG B 188 -31.99 25.45 -1.97
CA ARG B 188 -30.91 26.40 -1.56
C ARG B 188 -30.88 27.62 -2.47
N ILE B 189 -31.29 27.48 -3.73
CA ILE B 189 -31.06 28.55 -4.77
C ILE B 189 -32.41 29.07 -5.29
N ALA B 190 -33.21 28.25 -5.97
CA ALA B 190 -34.54 28.64 -6.53
C ALA B 190 -35.49 29.14 -5.42
N PHE B 191 -35.30 28.67 -4.19
CA PHE B 191 -36.03 29.11 -2.97
C PHE B 191 -36.14 30.64 -2.96
N TRP B 192 -35.03 31.31 -3.32
CA TRP B 192 -34.85 32.78 -3.17
C TRP B 192 -35.68 33.57 -4.21
N ASP B 193 -36.30 32.92 -5.18
CA ASP B 193 -37.15 33.57 -6.22
C ASP B 193 -38.46 34.10 -5.60
N ASP B 194 -39.12 33.29 -4.78
CA ASP B 194 -40.35 33.69 -4.04
C ASP B 194 -40.20 33.32 -2.57
N VAL B 195 -40.00 34.31 -1.72
CA VAL B 195 -39.95 34.15 -0.24
C VAL B 195 -41.17 34.86 0.38
N TYR B 196 -42.22 34.08 0.67
CA TYR B 196 -43.50 34.55 1.28
C TYR B 196 -44.04 35.73 0.48
N GLY B 197 -44.05 35.63 -0.85
CA GLY B 197 -44.58 36.65 -1.78
C GLY B 197 -43.50 37.52 -2.44
N PHE B 198 -42.33 37.69 -1.82
CA PHE B 198 -41.30 38.70 -2.22
C PHE B 198 -40.17 38.06 -3.02
N LYS B 199 -39.58 38.82 -3.95
CA LYS B 199 -38.39 38.43 -4.75
C LYS B 199 -37.14 38.71 -3.90
N MET B 200 -36.27 37.71 -3.75
CA MET B 200 -34.99 37.82 -2.99
C MET B 200 -33.85 37.19 -3.81
N SER B 201 -34.06 37.12 -5.13
CA SER B 201 -33.14 36.59 -6.18
C SER B 201 -31.68 36.97 -5.91
N CYS B 202 -31.40 38.22 -5.52
CA CYS B 202 -30.02 38.77 -5.34
C CYS B 202 -29.23 37.98 -4.26
N MET B 203 -29.93 37.18 -3.43
CA MET B 203 -29.33 36.39 -2.32
C MET B 203 -28.65 35.13 -2.86
N LYS B 204 -29.01 34.67 -4.06
CA LYS B 204 -28.36 33.48 -4.69
C LYS B 204 -26.83 33.67 -4.73
N LYS B 205 -26.35 34.88 -5.07
CA LYS B 205 -24.91 35.22 -5.22
C LYS B 205 -24.24 35.28 -3.84
N ALA B 206 -25.03 35.45 -2.79
CA ALA B 206 -24.52 35.45 -1.41
C ALA B 206 -24.37 34.00 -0.91
N VAL B 207 -25.29 33.09 -1.25
CA VAL B 207 -25.26 31.70 -0.66
C VAL B 207 -24.31 30.80 -1.48
N ILE B 208 -24.22 31.00 -2.80
CA ILE B 208 -23.44 30.10 -3.73
C ILE B 208 -22.00 29.98 -3.24
N PRO B 209 -21.27 31.08 -2.92
CA PRO B 209 -19.86 30.99 -2.49
C PRO B 209 -19.63 30.33 -1.12
N GLU B 210 -20.66 29.99 -0.37
CA GLU B 210 -20.52 29.38 0.96
C GLU B 210 -20.58 27.84 0.80
N ALA B 211 -19.44 27.19 0.97
CA ALA B 211 -19.30 25.72 0.96
C ALA B 211 -20.13 25.17 2.13
N VAL B 212 -20.82 24.05 1.90
CA VAL B 212 -21.78 23.44 2.84
C VAL B 212 -21.10 22.21 3.45
N VAL B 213 -21.20 22.03 4.76
CA VAL B 213 -20.74 20.81 5.45
C VAL B 213 -21.97 19.97 5.77
N GLU B 214 -22.01 18.74 5.24
CA GLU B 214 -23.21 17.89 5.23
C GLU B 214 -22.76 16.44 4.96
N VAL B 215 -23.50 15.48 5.48
CA VAL B 215 -23.37 14.06 5.07
C VAL B 215 -24.24 13.90 3.82
N LEU B 216 -23.66 13.49 2.70
CA LEU B 216 -24.38 13.28 1.43
C LEU B 216 -25.07 11.93 1.43
N ASP B 217 -26.26 11.84 0.86
CA ASP B 217 -26.87 10.54 0.50
C ASP B 217 -26.00 9.92 -0.59
N PRO B 218 -25.41 8.73 -0.37
CA PRO B 218 -24.59 8.09 -1.40
C PRO B 218 -25.32 7.92 -2.74
N LYS B 219 -26.65 7.95 -2.72
CA LYS B 219 -27.49 7.69 -3.92
C LYS B 219 -27.47 8.93 -4.83
N THR B 220 -26.93 10.06 -4.37
CA THR B 220 -26.85 11.30 -5.18
C THR B 220 -25.49 11.42 -5.88
N LEU B 221 -24.58 10.45 -5.69
CA LEU B 221 -23.24 10.43 -6.33
C LEU B 221 -23.35 9.94 -7.77
N ILE B 222 -22.77 10.66 -8.72
CA ILE B 222 -22.94 10.38 -10.19
C ILE B 222 -21.57 10.27 -10.85
N SER B 223 -20.50 10.13 -10.07
CA SER B 223 -19.13 9.95 -10.61
C SER B 223 -18.33 9.06 -9.69
N GLU B 224 -17.30 8.41 -10.25
CA GLU B 224 -16.11 7.95 -9.52
C GLU B 224 -15.45 9.18 -8.93
N PRO B 225 -14.79 9.05 -7.76
CA PRO B 225 -13.96 10.15 -7.24
C PRO B 225 -12.69 10.34 -8.07
N CYS B 226 -12.09 11.52 -7.97
CA CYS B 226 -10.74 11.88 -8.50
C CYS B 226 -9.90 12.49 -7.36
N GLY B 227 -8.70 11.93 -7.10
CA GLY B 227 -7.65 12.53 -6.25
C GLY B 227 -7.15 13.85 -6.82
N ILE B 228 -7.18 14.94 -6.06
CA ILE B 228 -6.68 16.28 -6.49
C ILE B 228 -5.40 16.64 -5.74
N LYS B 229 -5.08 15.95 -4.65
CA LYS B 229 -3.96 16.34 -3.75
C LYS B 229 -3.47 15.13 -2.97
N HIS B 230 -2.17 14.89 -3.03
CA HIS B 230 -1.43 13.89 -2.22
C HIS B 230 -0.38 14.63 -1.40
N ILE B 231 -0.40 14.43 -0.08
CA ILE B 231 0.50 15.07 0.93
C ILE B 231 1.20 13.93 1.67
N ASP B 232 2.55 13.94 1.73
CA ASP B 232 3.34 13.17 2.72
C ASP B 232 3.94 14.18 3.68
N CYS B 233 3.62 14.03 4.97
CA CYS B 233 3.94 15.00 6.05
C CYS B 233 5.46 15.02 6.31
N HIS B 234 6.19 14.04 5.77
CA HIS B 234 7.67 13.98 5.86
C HIS B 234 8.29 14.97 4.87
N THR B 235 7.69 15.10 3.67
CA THR B 235 8.28 15.82 2.51
C THR B 235 7.47 17.09 2.15
N THR B 236 6.41 17.43 2.89
CA THR B 236 5.57 18.62 2.58
C THR B 236 6.09 19.85 3.36
N SER B 237 6.00 21.03 2.75
CA SER B 237 6.20 22.35 3.41
C SER B 237 4.87 23.09 3.40
N ILE B 238 4.81 24.28 4.01
CA ILE B 238 3.59 25.13 4.14
C ILE B 238 3.11 25.57 2.74
N SER B 239 4.01 25.79 1.77
CA SER B 239 3.70 26.33 0.42
C SER B 239 3.08 25.26 -0.51
N ASP B 240 3.33 23.98 -0.24
CA ASP B 240 2.74 22.83 -0.99
C ASP B 240 1.23 22.73 -0.76
N LEU B 241 0.70 23.36 0.30
CA LEU B 241 -0.74 23.29 0.68
C LEU B 241 -1.57 24.28 -0.14
N GLU B 242 -0.91 25.18 -0.88
CA GLU B 242 -1.53 26.01 -1.94
C GLU B 242 -1.26 25.29 -3.24
N PHE B 243 -2.29 24.83 -3.94
CA PHE B 243 -2.11 23.93 -5.11
C PHE B 243 -3.24 24.15 -6.13
N SER B 244 -2.94 23.76 -7.36
CA SER B 244 -3.85 23.67 -8.53
C SER B 244 -3.85 22.22 -9.02
N SER B 245 -4.96 21.69 -9.49
CA SER B 245 -5.02 20.34 -10.09
C SER B 245 -6.05 20.36 -11.20
N ASP B 246 -5.71 19.82 -12.37
CA ASP B 246 -6.69 19.39 -13.39
C ASP B 246 -7.33 18.15 -12.81
N PHE B 247 -8.62 17.93 -13.06
CA PHE B 247 -9.26 16.67 -12.63
C PHE B 247 -10.24 16.20 -13.69
N THR B 248 -10.49 14.91 -13.65
CA THR B 248 -11.43 14.22 -14.55
C THR B 248 -12.38 13.41 -13.68
N LEU B 249 -13.69 13.68 -13.77
CA LEU B 249 -14.71 12.90 -13.02
C LEU B 249 -15.37 11.92 -14.02
N LYS B 250 -15.12 10.62 -13.85
CA LYS B 250 -15.73 9.57 -14.69
C LYS B 250 -17.21 9.50 -14.27
N ILE B 251 -18.11 10.02 -15.08
CA ILE B 251 -19.57 10.06 -14.76
C ILE B 251 -20.12 8.63 -14.79
N THR B 252 -20.96 8.23 -13.82
CA THR B 252 -21.55 6.86 -13.66
C THR B 252 -23.08 6.85 -13.87
N ARG B 253 -23.72 8.01 -14.02
CA ARG B 253 -25.18 8.15 -14.22
C ARG B 253 -25.51 9.43 -15.01
N THR B 254 -26.38 9.29 -16.01
CA THR B 254 -26.93 10.39 -16.82
C THR B 254 -27.88 11.17 -15.94
N SER B 255 -27.62 12.47 -15.73
CA SER B 255 -28.25 13.29 -14.67
C SER B 255 -27.87 14.77 -14.83
N MET B 256 -28.53 15.64 -14.06
CA MET B 256 -28.11 17.03 -13.83
C MET B 256 -27.07 17.06 -12.70
N CYS B 257 -25.86 17.52 -12.99
CA CYS B 257 -24.83 17.82 -11.98
C CYS B 257 -25.18 19.16 -11.31
N THR B 258 -25.38 19.15 -9.98
CA THR B 258 -25.81 20.31 -9.17
C THR B 258 -24.69 20.78 -8.23
N ALA B 259 -23.69 19.95 -7.94
CA ALA B 259 -22.68 20.20 -6.90
C ALA B 259 -21.50 19.26 -7.09
N ILE B 260 -20.33 19.71 -6.68
CA ILE B 260 -19.11 18.89 -6.44
C ILE B 260 -18.92 18.77 -4.93
N ALA B 261 -18.66 17.56 -4.46
CA ALA B 261 -18.28 17.27 -3.06
C ALA B 261 -16.78 16.96 -2.95
N GLY B 262 -16.20 17.41 -1.85
CA GLY B 262 -14.83 17.15 -1.43
C GLY B 262 -14.79 16.34 -0.16
N TYR B 263 -13.78 15.49 -0.06
CA TYR B 263 -13.45 14.67 1.13
C TYR B 263 -11.95 14.35 1.14
N PHE B 264 -11.49 13.69 2.19
CA PHE B 264 -10.06 13.33 2.34
C PHE B 264 -9.95 11.94 2.93
N ASP B 265 -8.80 11.30 2.68
CA ASP B 265 -8.43 9.99 3.26
C ASP B 265 -7.15 10.17 4.06
N ILE B 266 -7.05 9.48 5.18
CA ILE B 266 -5.88 9.57 6.08
C ILE B 266 -5.24 8.20 6.18
N TYR B 267 -3.92 8.13 5.95
CA TYR B 267 -3.12 6.88 5.96
C TYR B 267 -2.02 6.96 7.01
N PHE B 268 -1.90 5.87 7.77
CA PHE B 268 -0.73 5.52 8.61
C PHE B 268 -0.01 4.39 7.89
N GLU B 269 1.19 4.65 7.33
CA GLU B 269 1.98 3.68 6.51
C GLU B 269 3.39 3.46 7.05
N LYS B 270 4.19 4.52 7.21
CA LYS B 270 5.66 4.37 7.39
C LYS B 270 5.94 3.37 8.53
N ASN B 271 6.64 2.28 8.20
CA ASN B 271 7.23 1.28 9.14
C ASN B 271 6.11 0.48 9.81
N CYS B 272 4.91 0.50 9.23
CA CYS B 272 3.71 -0.20 9.76
C CYS B 272 3.69 -1.65 9.25
N HIS B 273 3.58 -2.61 10.17
CA HIS B 273 3.22 -4.01 9.89
C HIS B 273 1.72 -4.11 9.64
N ASN B 274 0.97 -3.20 10.26
CA ASN B 274 -0.52 -3.11 10.20
C ASN B 274 -0.88 -1.68 9.80
N ARG B 275 -1.02 -1.46 8.50
CA ARG B 275 -1.36 -0.15 7.93
C ARG B 275 -2.78 0.23 8.35
N VAL B 276 -3.04 1.52 8.42
CA VAL B 276 -4.38 2.01 8.82
C VAL B 276 -4.77 3.12 7.85
N VAL B 277 -5.98 3.06 7.37
CA VAL B 277 -6.58 4.09 6.49
C VAL B 277 -7.97 4.40 7.05
N PHE B 278 -8.39 5.65 6.99
CA PHE B 278 -9.84 5.96 7.03
C PHE B 278 -10.16 7.00 5.98
N SER B 279 -11.40 6.96 5.48
CA SER B 279 -11.96 7.91 4.51
C SER B 279 -13.04 8.75 5.19
N THR B 280 -13.24 9.99 4.73
CA THR B 280 -14.37 10.87 5.11
C THR B 280 -15.34 11.03 3.95
N GLY B 281 -15.26 10.15 2.95
CA GLY B 281 -16.08 10.25 1.73
C GLY B 281 -17.50 9.72 1.96
N PRO B 282 -18.45 10.04 1.06
CA PRO B 282 -19.86 9.67 1.25
C PRO B 282 -20.16 8.18 1.08
N GLN B 283 -19.22 7.39 0.55
CA GLN B 283 -19.36 5.92 0.37
C GLN B 283 -18.95 5.22 1.66
N SER B 284 -18.43 5.99 2.62
CA SER B 284 -17.94 5.45 3.91
C SER B 284 -18.82 5.92 5.05
N THR B 285 -18.71 5.23 6.18
CA THR B 285 -19.31 5.56 7.49
C THR B 285 -19.07 7.04 7.81
N LYS B 286 -20.15 7.78 8.14
CA LYS B 286 -20.11 9.22 8.51
C LYS B 286 -19.02 9.46 9.56
N THR B 287 -18.28 10.55 9.44
CA THR B 287 -17.36 11.09 10.47
C THR B 287 -17.84 12.50 10.83
N HIS B 288 -17.29 13.09 11.87
CA HIS B 288 -17.63 14.48 12.31
C HIS B 288 -17.18 15.49 11.27
N TRP B 289 -16.29 15.11 10.35
CA TRP B 289 -15.83 15.96 9.21
C TRP B 289 -16.90 16.00 8.11
N LYS B 290 -17.78 15.00 8.08
CA LYS B 290 -18.83 14.85 7.06
C LYS B 290 -18.18 14.98 5.67
N GLN B 291 -18.82 15.70 4.74
CA GLN B 291 -18.23 16.08 3.43
C GLN B 291 -18.40 17.58 3.23
N THR B 292 -17.61 18.16 2.34
CA THR B 292 -17.70 19.59 1.93
C THR B 292 -18.29 19.67 0.53
N VAL B 293 -19.29 20.52 0.33
CA VAL B 293 -20.13 20.54 -0.90
C VAL B 293 -20.07 21.95 -1.48
N PHE B 294 -19.62 22.05 -2.72
CA PHE B 294 -19.63 23.28 -3.53
C PHE B 294 -20.82 23.22 -4.50
N LEU B 295 -21.87 24.01 -4.24
CA LEU B 295 -23.09 24.09 -5.06
C LEU B 295 -22.75 24.81 -6.38
N LEU B 296 -23.20 24.27 -7.50
CA LEU B 296 -23.03 24.93 -8.82
C LEU B 296 -24.17 25.95 -9.03
N GLU B 297 -23.84 27.17 -9.42
CA GLU B 297 -24.86 28.18 -9.80
C GLU B 297 -25.79 27.64 -10.88
N LYS B 298 -25.24 27.16 -12.01
CA LYS B 298 -26.01 26.61 -13.16
C LYS B 298 -25.73 25.11 -13.24
N PRO B 299 -26.66 24.24 -12.78
CA PRO B 299 -26.54 22.80 -13.00
C PRO B 299 -26.52 22.51 -14.51
N PHE B 300 -25.79 21.48 -14.92
CA PHE B 300 -25.66 21.06 -16.34
C PHE B 300 -25.74 19.54 -16.42
N SER B 301 -26.23 19.03 -17.56
CA SER B 301 -26.44 17.59 -17.78
C SER B 301 -25.08 16.94 -18.07
N VAL B 302 -24.92 15.72 -17.58
CA VAL B 302 -23.79 14.81 -17.89
C VAL B 302 -24.37 13.46 -18.35
N LYS B 303 -23.58 12.68 -19.08
CA LYS B 303 -23.94 11.33 -19.57
C LYS B 303 -23.08 10.27 -18.87
N ALA B 304 -23.65 9.14 -18.46
CA ALA B 304 -22.89 7.96 -17.98
C ALA B 304 -21.72 7.68 -18.96
N GLY B 305 -20.50 7.48 -18.45
CA GLY B 305 -19.30 7.17 -19.26
C GLY B 305 -18.53 8.42 -19.71
N GLU B 306 -19.14 9.60 -19.63
CA GLU B 306 -18.48 10.92 -19.88
C GLU B 306 -17.25 11.09 -18.96
N ALA B 307 -16.17 11.66 -19.51
CA ALA B 307 -15.00 12.19 -18.74
C ALA B 307 -15.23 13.69 -18.53
N LEU B 308 -15.79 14.08 -17.39
CA LEU B 308 -16.04 15.51 -17.02
C LEU B 308 -14.73 16.13 -16.50
N LYS B 309 -14.21 17.11 -17.22
CA LYS B 309 -12.89 17.75 -16.96
C LYS B 309 -13.12 19.09 -16.24
N GLY B 310 -12.36 19.35 -15.20
CA GLY B 310 -12.41 20.64 -14.49
C GLY B 310 -11.05 21.02 -13.93
N LYS B 311 -10.99 22.17 -13.27
CA LYS B 311 -9.77 22.64 -12.59
C LYS B 311 -10.14 23.16 -11.22
N VAL B 312 -9.31 22.85 -10.24
CA VAL B 312 -9.51 23.30 -8.82
C VAL B 312 -8.20 23.92 -8.30
N THR B 313 -8.30 25.07 -7.61
CA THR B 313 -7.14 25.73 -6.96
C THR B 313 -7.52 26.07 -5.52
N VAL B 314 -6.69 25.66 -4.57
CA VAL B 314 -6.84 26.03 -3.15
C VAL B 314 -5.81 27.11 -2.82
N HIS B 315 -6.28 28.27 -2.36
CA HIS B 315 -5.46 29.42 -1.87
C HIS B 315 -5.64 29.58 -0.34
N LYS B 316 -4.57 29.99 0.34
CA LYS B 316 -4.44 30.02 1.83
C LYS B 316 -4.86 31.40 2.37
N ASN B 317 -4.26 32.49 1.87
CA ASN B 317 -4.52 33.88 2.33
C ASN B 317 -4.27 33.99 3.84
N SER B 323 -8.25 33.19 5.58
CA SER B 323 -9.54 32.60 5.15
C SER B 323 -9.35 31.77 3.87
N LEU B 324 -9.12 30.45 3.99
CA LEU B 324 -8.82 29.51 2.86
C LEU B 324 -9.94 29.57 1.81
N THR B 325 -9.60 29.54 0.51
CA THR B 325 -10.58 29.58 -0.61
C THR B 325 -10.30 28.51 -1.66
N VAL B 326 -11.33 28.13 -2.40
CA VAL B 326 -11.34 27.05 -3.42
C VAL B 326 -11.92 27.63 -4.69
N THR B 327 -11.11 27.72 -5.74
CA THR B 327 -11.57 28.15 -7.08
C THR B 327 -11.80 26.90 -7.94
N LEU B 328 -12.99 26.78 -8.50
CA LEU B 328 -13.45 25.59 -9.24
C LEU B 328 -13.90 26.06 -10.61
N THR B 329 -13.34 25.49 -11.67
CA THR B 329 -13.75 25.68 -13.07
C THR B 329 -14.35 24.37 -13.59
N LEU B 330 -15.55 24.45 -14.15
CA LEU B 330 -16.34 23.30 -14.60
C LEU B 330 -17.42 23.82 -15.56
N ASN B 331 -17.56 23.19 -16.71
CA ASN B 331 -18.63 23.51 -17.71
C ASN B 331 -18.48 24.97 -18.14
N ASN B 332 -17.25 25.46 -18.25
CA ASN B 332 -16.91 26.80 -18.81
C ASN B 332 -17.34 27.91 -17.86
N SER B 333 -17.46 27.62 -16.57
CA SER B 333 -17.87 28.58 -15.52
C SER B 333 -16.94 28.40 -14.31
N THR B 334 -16.60 29.50 -13.66
CA THR B 334 -15.69 29.55 -12.52
C THR B 334 -16.40 30.17 -11.33
N GLN B 335 -16.21 29.60 -10.14
CA GLN B 335 -16.71 30.16 -8.87
C GLN B 335 -15.66 29.90 -7.78
N THR B 336 -15.43 30.88 -6.92
CA THR B 336 -14.57 30.74 -5.73
C THR B 336 -15.46 30.55 -4.49
N TYR B 337 -15.11 29.59 -3.64
CA TYR B 337 -15.90 29.18 -2.45
C TYR B 337 -15.05 29.39 -1.20
N GLY B 338 -15.69 29.61 -0.05
CA GLY B 338 -15.06 29.59 1.29
C GLY B 338 -15.97 28.91 2.29
N LEU B 339 -15.50 28.67 3.52
CA LEU B 339 -16.28 27.96 4.59
C LEU B 339 -16.75 28.98 5.64
#